data_8X37
#
_entry.id   8X37
#
_cell.length_a   98.260
_cell.length_b   50.270
_cell.length_c   120.250
_cell.angle_alpha   90.000
_cell.angle_beta   91.327
_cell.angle_gamma   90.000
#
_symmetry.space_group_name_H-M   'C 1 2 1'
#
loop_
_entity.id
_entity.type
_entity.pdbx_description
1 polymer 'Neryl-diphosphate synthase 1'
2 non-polymer 'DIMETHYLALLYL S-THIOLODIPHOSPHATE'
3 non-polymer 'MAGNESIUM ION'
4 water water
#
_entity_poly.entity_id   1
_entity_poly.type   'polypeptide(L)'
_entity_poly.pdbx_seq_one_letter_code
;GTMSARGLNKISCSLNLQTEKLCYEDNDNDLDEELMPKHIALIMDGNRRWAKDKGLEVYEGHKHIIPKLKEICDISSKLG
IQIITAFAFSTENWKRSKEEVDFLLQMFEEIYDEFSRSGVRVSIIGCKSDLPMTLQKCIALTEETTKGNKGLHLVIALNY
GGYYDILQATKSIVNKAMNGLLDVEDINKNLFDQELESKCPNPDLLIRTGGEQRVSNFLLWQLAYTEFYFTNTLFPDFGE
EDLKEAIMNFQQRHRRFGGHTY
;
_entity_poly.pdbx_strand_id   A,B
#
# COMPACT_ATOMS: atom_id res chain seq x y z
N SER A 12 19.70 6.32 16.50
CA SER A 12 18.83 6.66 15.35
C SER A 12 17.76 5.59 15.10
N CYS A 13 17.96 4.38 15.63
CA CYS A 13 17.15 3.22 15.31
C CYS A 13 16.52 2.68 16.59
N SER A 14 15.25 2.22 16.54
CA SER A 14 14.65 1.48 17.64
C SER A 14 13.21 1.09 17.29
N LEU A 15 12.88 -0.21 17.35
CA LEU A 15 11.59 -0.71 16.86
C LEU A 15 10.87 -1.65 17.83
N ASN A 16 11.56 -2.28 18.78
CA ASN A 16 10.90 -3.28 19.62
C ASN A 16 10.22 -2.62 20.82
N LEU A 17 10.85 -1.60 21.39
CA LEU A 17 10.39 -0.98 22.63
C LEU A 17 9.40 0.15 22.32
N LYS A 21 0.50 2.59 20.56
CA LYS A 21 -0.80 2.44 19.83
C LYS A 21 -0.64 2.95 18.40
N LEU A 22 -1.34 2.29 17.47
CA LEU A 22 -1.27 2.64 16.05
C LEU A 22 -2.09 3.89 15.76
N CYS A 23 -3.32 3.98 16.31
CA CYS A 23 -4.14 5.18 16.22
C CYS A 23 -4.49 5.64 17.64
N LEU A 35 -17.49 -5.77 14.85
CA LEU A 35 -18.35 -6.53 13.90
C LEU A 35 -18.42 -5.78 12.57
N MET A 36 -18.75 -4.48 12.61
CA MET A 36 -18.99 -3.65 11.43
C MET A 36 -17.80 -2.71 11.23
N PRO A 37 -17.30 -2.49 9.99
CA PRO A 37 -16.13 -1.62 9.77
C PRO A 37 -16.44 -0.14 9.90
N LYS A 38 -15.71 0.58 10.76
CA LYS A 38 -15.93 1.99 11.04
C LYS A 38 -15.60 2.86 9.84
N HIS A 39 -14.53 2.52 9.12
CA HIS A 39 -14.06 3.29 7.97
C HIS A 39 -13.85 2.36 6.78
N ILE A 40 -14.49 2.69 5.66
CA ILE A 40 -14.37 1.94 4.44
C ILE A 40 -13.72 2.84 3.38
N ALA A 41 -12.75 2.28 2.66
CA ALA A 41 -12.14 2.95 1.53
C ALA A 41 -12.66 2.31 0.26
N LEU A 42 -12.86 3.12 -0.80
CA LEU A 42 -13.58 2.66 -1.95
C LEU A 42 -12.84 3.09 -3.22
N ILE A 43 -12.47 2.12 -4.06
CA ILE A 43 -11.86 2.43 -5.33
C ILE A 43 -12.90 2.14 -6.39
N MET A 44 -13.34 3.19 -7.11
CA MET A 44 -14.55 3.13 -7.91
C MET A 44 -14.20 2.87 -9.36
N ASP A 45 -13.72 1.66 -9.64
CA ASP A 45 -13.13 1.34 -10.94
C ASP A 45 -14.14 0.55 -11.77
N GLY A 46 -14.02 0.61 -13.10
CA GLY A 46 -14.81 -0.23 -13.98
C GLY A 46 -15.75 0.55 -14.91
N ASN A 47 -15.78 1.89 -14.80
CA ASN A 47 -16.82 2.71 -15.39
C ASN A 47 -16.77 2.68 -16.91
N ARG A 48 -15.55 2.70 -17.46
CA ARG A 48 -15.41 2.73 -18.90
C ARG A 48 -15.82 1.39 -19.50
N ARG A 49 -15.32 0.28 -18.93
CA ARG A 49 -15.61 -1.04 -19.47
C ARG A 49 -17.11 -1.26 -19.44
N TRP A 50 -17.77 -0.84 -18.34
CA TRP A 50 -19.21 -0.98 -18.17
C TRP A 50 -19.98 -0.35 -19.33
N ALA A 51 -19.60 0.86 -19.72
CA ALA A 51 -20.28 1.54 -20.81
C ALA A 51 -20.00 0.83 -22.13
N LYS A 52 -18.71 0.60 -22.40
CA LYS A 52 -18.23 -0.01 -23.64
C LYS A 52 -18.94 -1.34 -23.91
N ASP A 53 -19.25 -2.07 -22.83
CA ASP A 53 -19.99 -3.32 -22.89
C ASP A 53 -21.37 -3.09 -23.52
N LYS A 54 -22.09 -2.06 -23.07
CA LYS A 54 -23.45 -1.82 -23.52
C LYS A 54 -23.50 -1.01 -24.82
N GLY A 55 -22.40 -0.98 -25.58
CA GLY A 55 -22.34 -0.24 -26.82
C GLY A 55 -22.41 1.28 -26.62
N LEU A 56 -22.40 1.74 -25.36
CA LEU A 56 -22.45 3.16 -25.01
C LEU A 56 -21.07 3.78 -25.19
N GLU A 57 -21.05 5.12 -25.26
CA GLU A 57 -19.80 5.87 -25.21
C GLU A 57 -19.28 5.89 -23.78
N VAL A 58 -17.96 6.08 -23.66
CA VAL A 58 -17.26 6.01 -22.38
C VAL A 58 -17.91 6.91 -21.33
N TYR A 59 -18.32 8.11 -21.76
CA TYR A 59 -18.75 9.16 -20.84
C TYR A 59 -20.01 8.73 -20.10
N GLU A 60 -20.84 7.91 -20.75
CA GLU A 60 -22.04 7.40 -20.12
C GLU A 60 -21.73 6.68 -18.81
N GLY A 61 -20.59 5.97 -18.77
CA GLY A 61 -20.20 5.23 -17.59
C GLY A 61 -19.87 6.18 -16.44
N HIS A 62 -19.08 7.20 -16.77
CA HIS A 62 -18.65 8.17 -15.77
C HIS A 62 -19.84 8.85 -15.11
N LYS A 63 -20.98 8.96 -15.84
CA LYS A 63 -22.14 9.67 -15.33
C LYS A 63 -22.77 8.97 -14.14
N HIS A 64 -22.41 7.70 -13.86
CA HIS A 64 -22.99 6.96 -12.75
C HIS A 64 -22.24 7.17 -11.43
N ILE A 65 -21.07 7.83 -11.49
CA ILE A 65 -20.15 7.85 -10.36
C ILE A 65 -20.80 8.52 -9.15
N ILE A 66 -21.22 9.78 -9.30
CA ILE A 66 -21.65 10.55 -8.14
C ILE A 66 -22.96 9.96 -7.61
N PRO A 67 -23.97 9.72 -8.48
CA PRO A 67 -25.20 9.04 -8.05
C PRO A 67 -24.99 7.74 -7.27
N LYS A 68 -24.18 6.84 -7.85
CA LYS A 68 -23.84 5.61 -7.15
C LYS A 68 -23.23 5.90 -5.78
N LEU A 69 -22.31 6.86 -5.72
CA LEU A 69 -21.62 7.12 -4.47
C LEU A 69 -22.61 7.60 -3.41
N LYS A 70 -23.50 8.49 -3.84
CA LYS A 70 -24.60 9.01 -3.01
C LYS A 70 -25.44 7.86 -2.50
N GLU A 71 -25.83 6.97 -3.42
CA GLU A 71 -26.61 5.78 -3.04
C GLU A 71 -25.86 4.90 -2.04
N ILE A 72 -24.55 4.68 -2.29
CA ILE A 72 -23.76 3.88 -1.37
C ILE A 72 -23.69 4.56 0.00
N CYS A 73 -23.52 5.90 0.05
CA CYS A 73 -23.48 6.59 1.35
C CYS A 73 -24.77 6.34 2.14
N ASP A 74 -25.92 6.40 1.45
CA ASP A 74 -27.22 6.19 2.08
C ASP A 74 -27.32 4.79 2.70
N ILE A 75 -26.96 3.76 1.92
CA ILE A 75 -26.99 2.39 2.42
C ILE A 75 -26.06 2.24 3.61
N SER A 76 -24.83 2.80 3.48
CA SER A 76 -23.79 2.61 4.48
C SER A 76 -24.19 3.33 5.77
N SER A 77 -24.75 4.53 5.61
CA SER A 77 -25.19 5.36 6.72
C SER A 77 -26.19 4.58 7.59
N LYS A 78 -27.08 3.81 6.96
CA LYS A 78 -28.07 3.01 7.66
C LYS A 78 -27.42 1.87 8.42
N LEU A 79 -26.33 1.31 7.87
CA LEU A 79 -25.65 0.15 8.46
C LEU A 79 -24.83 0.53 9.70
N GLY A 80 -24.52 1.82 9.86
CA GLY A 80 -23.75 2.28 11.00
C GLY A 80 -22.29 2.64 10.68
N ILE A 81 -21.95 2.68 9.38
CA ILE A 81 -20.62 3.07 8.91
C ILE A 81 -20.44 4.56 9.23
N GLN A 82 -19.23 4.97 9.62
CA GLN A 82 -18.98 6.36 9.99
C GLN A 82 -18.19 7.13 8.92
N ILE A 83 -17.24 6.48 8.24
CA ILE A 83 -16.41 7.15 7.26
C ILE A 83 -16.37 6.36 5.96
N ILE A 84 -16.47 7.05 4.83
CA ILE A 84 -16.11 6.49 3.55
C ILE A 84 -15.11 7.42 2.88
N THR A 85 -13.94 6.87 2.50
CA THR A 85 -13.01 7.58 1.62
C THR A 85 -13.07 6.94 0.23
N ALA A 86 -13.33 7.74 -0.81
CA ALA A 86 -13.63 7.26 -2.13
C ALA A 86 -12.69 7.87 -3.16
N PHE A 87 -12.15 7.03 -4.04
CA PHE A 87 -11.18 7.48 -5.02
C PHE A 87 -11.94 7.88 -6.28
N ALA A 88 -11.98 9.20 -6.55
CA ALA A 88 -12.67 9.74 -7.69
C ALA A 88 -11.75 10.11 -8.83
N PHE A 89 -10.53 10.58 -8.55
CA PHE A 89 -9.58 10.95 -9.62
C PHE A 89 -8.12 10.95 -9.09
N SER A 90 -7.22 10.22 -9.77
CA SER A 90 -5.87 10.04 -9.25
C SER A 90 -4.89 10.98 -9.95
N THR A 91 -3.71 11.17 -9.34
CA THR A 91 -2.68 12.00 -9.95
C THR A 91 -2.23 11.42 -11.28
N GLU A 92 -2.50 10.16 -11.55
CA GLU A 92 -2.06 9.56 -12.81
C GLU A 92 -3.15 9.68 -13.87
N ASN A 93 -4.37 10.04 -13.46
CA ASN A 93 -5.49 10.12 -14.39
C ASN A 93 -5.32 11.27 -15.39
N TRP A 94 -4.42 12.22 -15.09
CA TRP A 94 -4.12 13.32 -16.00
C TRP A 94 -3.61 12.81 -17.35
N LYS A 95 -3.14 11.56 -17.40
CA LYS A 95 -2.56 10.96 -18.59
C LYS A 95 -3.61 10.53 -19.62
N ARG A 96 -4.89 10.55 -19.23
CA ARG A 96 -5.94 10.22 -20.18
C ARG A 96 -6.10 11.37 -21.19
N SER A 97 -6.92 11.15 -22.22
CA SER A 97 -7.12 12.15 -23.27
C SER A 97 -7.70 13.44 -22.68
N LYS A 98 -7.36 14.57 -23.31
CA LYS A 98 -7.88 15.87 -22.91
C LYS A 98 -9.41 15.85 -22.89
N GLU A 99 -10.01 15.23 -23.92
CA GLU A 99 -11.45 15.09 -24.01
C GLU A 99 -11.99 14.44 -22.73
N GLU A 100 -11.48 13.25 -22.39
CA GLU A 100 -11.96 12.48 -21.25
C GLU A 100 -11.74 13.27 -19.95
N VAL A 101 -10.59 13.93 -19.83
CA VAL A 101 -10.27 14.62 -18.59
C VAL A 101 -11.25 15.78 -18.38
N ASP A 102 -11.38 16.69 -19.37
CA ASP A 102 -12.27 17.84 -19.29
C ASP A 102 -13.69 17.42 -18.91
N PHE A 103 -14.14 16.27 -19.46
CA PHE A 103 -15.48 15.78 -19.20
C PHE A 103 -15.63 15.41 -17.72
N LEU A 104 -14.64 14.70 -17.17
CA LEU A 104 -14.67 14.24 -15.79
C LEU A 104 -14.67 15.45 -14.85
N LEU A 105 -13.80 16.43 -15.12
CA LEU A 105 -13.60 17.55 -14.23
C LEU A 105 -14.79 18.51 -14.27
N GLN A 106 -15.45 18.60 -15.43
CA GLN A 106 -16.71 19.31 -15.51
C GLN A 106 -17.78 18.52 -14.73
N MET A 107 -17.81 17.20 -14.93
CA MET A 107 -18.87 16.38 -14.30
C MET A 107 -18.81 16.50 -12.76
N PHE A 108 -17.61 16.63 -12.19
CA PHE A 108 -17.48 16.64 -10.73
C PHE A 108 -18.16 17.87 -10.11
N GLU A 109 -18.58 18.83 -10.94
CA GLU A 109 -19.36 19.96 -10.44
C GLU A 109 -20.65 19.48 -9.79
N GLU A 110 -21.19 18.35 -10.30
CA GLU A 110 -22.46 17.81 -9.82
C GLU A 110 -22.35 17.31 -8.38
N ILE A 111 -21.15 17.34 -7.79
CA ILE A 111 -20.99 17.03 -6.37
C ILE A 111 -21.86 17.97 -5.54
N TYR A 112 -21.98 19.23 -5.96
CA TYR A 112 -22.75 20.21 -5.21
C TYR A 112 -24.24 19.83 -5.17
N ASP A 113 -24.83 19.60 -6.35
CA ASP A 113 -26.23 19.25 -6.48
C ASP A 113 -26.58 18.03 -5.62
N GLU A 114 -25.76 16.98 -5.73
CA GLU A 114 -26.09 15.68 -5.16
C GLU A 114 -25.95 15.68 -3.64
N PHE A 115 -25.06 16.53 -3.10
CA PHE A 115 -24.69 16.41 -1.68
C PHE A 115 -25.07 17.64 -0.87
N SER A 116 -25.18 18.81 -1.50
CA SER A 116 -25.35 20.07 -0.76
C SER A 116 -26.53 19.99 0.22
N ARG A 117 -27.64 19.36 -0.21
N ARG A 117 -27.64 19.37 -0.21
CA ARG A 117 -28.86 19.31 0.59
CA ARG A 117 -28.85 19.30 0.58
C ARG A 117 -29.08 17.92 1.20
C ARG A 117 -29.07 17.92 1.21
N SER A 118 -28.01 17.11 1.32
CA SER A 118 -28.11 15.77 1.89
C SER A 118 -27.86 15.82 3.39
N GLY A 119 -27.84 14.66 4.07
CA GLY A 119 -27.44 14.57 5.47
C GLY A 119 -25.99 14.12 5.65
N VAL A 120 -25.19 14.17 4.58
CA VAL A 120 -23.81 13.67 4.60
C VAL A 120 -22.83 14.83 4.72
N ARG A 121 -21.82 14.71 5.61
CA ARG A 121 -20.73 15.69 5.67
C ARG A 121 -19.64 15.37 4.63
N VAL A 122 -19.25 16.36 3.81
CA VAL A 122 -18.38 16.11 2.66
C VAL A 122 -17.08 16.92 2.71
N SER A 123 -15.93 16.21 2.66
CA SER A 123 -14.59 16.79 2.54
C SER A 123 -13.92 16.34 1.24
N ILE A 124 -13.04 17.18 0.67
CA ILE A 124 -12.22 16.77 -0.46
C ILE A 124 -10.73 16.74 -0.06
N ILE A 125 -9.99 15.70 -0.49
CA ILE A 125 -8.54 15.64 -0.32
C ILE A 125 -7.89 15.56 -1.70
N GLY A 126 -6.64 16.02 -1.81
CA GLY A 126 -6.01 16.20 -3.12
C GLY A 126 -5.60 17.64 -3.39
N CYS A 127 -4.95 17.87 -4.54
CA CYS A 127 -4.42 19.17 -4.91
C CYS A 127 -5.51 19.97 -5.61
N LYS A 128 -6.20 20.84 -4.85
CA LYS A 128 -7.32 21.60 -5.38
C LYS A 128 -6.93 22.61 -6.45
N SER A 129 -5.73 23.18 -6.35
CA SER A 129 -5.33 24.31 -7.17
C SER A 129 -5.13 23.92 -8.64
N ASP A 130 -5.01 22.62 -8.95
CA ASP A 130 -4.84 22.18 -10.33
C ASP A 130 -6.19 22.13 -11.06
N LEU A 131 -7.30 22.20 -10.32
CA LEU A 131 -8.62 22.00 -10.89
C LEU A 131 -9.20 23.33 -11.40
N PRO A 132 -10.06 23.32 -12.44
CA PRO A 132 -10.78 24.53 -12.86
C PRO A 132 -11.44 25.24 -11.68
N MET A 133 -11.43 26.57 -11.71
CA MET A 133 -12.02 27.38 -10.66
C MET A 133 -13.51 27.09 -10.54
N THR A 134 -14.18 26.76 -11.67
CA THR A 134 -15.56 26.31 -11.62
C THR A 134 -15.69 25.21 -10.55
N LEU A 135 -14.80 24.21 -10.68
CA LEU A 135 -14.77 23.04 -9.81
C LEU A 135 -14.31 23.42 -8.41
N GLN A 136 -13.27 24.25 -8.32
CA GLN A 136 -12.78 24.71 -7.03
C GLN A 136 -13.91 25.32 -6.20
N LYS A 137 -14.76 26.14 -6.84
CA LYS A 137 -15.81 26.85 -6.13
C LYS A 137 -16.93 25.91 -5.67
N CYS A 138 -17.36 25.02 -6.57
CA CYS A 138 -18.34 23.99 -6.22
C CYS A 138 -17.88 23.22 -4.98
N ILE A 139 -16.59 22.84 -4.96
CA ILE A 139 -16.04 22.02 -3.88
C ILE A 139 -16.13 22.79 -2.57
N ALA A 140 -15.58 24.02 -2.56
CA ALA A 140 -15.58 24.87 -1.36
C ALA A 140 -17.00 25.07 -0.84
N LEU A 141 -17.93 25.32 -1.78
CA LEU A 141 -19.33 25.48 -1.41
C LEU A 141 -19.91 24.20 -0.82
N THR A 142 -19.66 23.05 -1.46
CA THR A 142 -20.18 21.77 -0.99
C THR A 142 -19.68 21.49 0.43
N GLU A 143 -18.40 21.81 0.70
CA GLU A 143 -17.79 21.62 2.01
C GLU A 143 -18.45 22.53 3.04
N GLU A 144 -18.61 23.81 2.68
CA GLU A 144 -19.20 24.81 3.56
C GLU A 144 -20.65 24.44 3.92
N THR A 145 -21.47 24.07 2.92
CA THR A 145 -22.87 23.80 3.20
C THR A 145 -23.04 22.59 4.11
N THR A 146 -22.23 21.52 3.91
CA THR A 146 -22.46 20.24 4.58
C THR A 146 -21.64 20.12 5.86
N LYS A 147 -20.78 21.11 6.15
CA LYS A 147 -19.81 21.01 7.23
C LYS A 147 -20.47 20.68 8.57
N GLY A 148 -21.78 20.91 8.69
CA GLY A 148 -22.47 20.81 9.98
C GLY A 148 -23.13 19.44 10.18
N ASN A 149 -23.28 18.66 9.10
CA ASN A 149 -24.00 17.39 9.20
C ASN A 149 -23.29 16.46 10.16
N LYS A 150 -24.05 15.74 10.98
CA LYS A 150 -23.50 14.90 12.03
C LYS A 150 -23.67 13.43 11.64
N GLY A 151 -23.89 13.18 10.34
CA GLY A 151 -24.08 11.82 9.87
C GLY A 151 -22.75 11.19 9.45
N LEU A 152 -22.78 10.52 8.31
CA LEU A 152 -21.62 9.85 7.74
C LEU A 152 -20.70 10.90 7.13
N HIS A 153 -19.39 10.74 7.38
CA HIS A 153 -18.39 11.62 6.80
C HIS A 153 -17.86 10.98 5.53
N LEU A 154 -18.16 11.61 4.38
CA LEU A 154 -17.67 11.18 3.08
C LEU A 154 -16.45 12.01 2.71
N VAL A 155 -15.30 11.35 2.50
CA VAL A 155 -14.10 12.00 2.01
C VAL A 155 -13.90 11.63 0.54
N ILE A 156 -13.82 12.61 -0.33
CA ILE A 156 -13.70 12.37 -1.77
C ILE A 156 -12.28 12.74 -2.20
N ALA A 157 -11.51 11.74 -2.67
CA ALA A 157 -10.13 11.97 -3.07
C ALA A 157 -10.11 12.35 -4.54
N LEU A 158 -9.83 13.63 -4.80
CA LEU A 158 -9.92 14.18 -6.15
C LEU A 158 -8.61 14.89 -6.46
N ASN A 159 -7.94 14.48 -7.55
CA ASN A 159 -6.56 14.83 -7.81
C ASN A 159 -5.68 14.45 -6.61
N TYR A 160 -5.75 13.17 -6.19
CA TYR A 160 -5.03 12.68 -5.02
C TYR A 160 -4.18 11.49 -5.41
N GLY A 161 -3.14 11.25 -4.59
CA GLY A 161 -2.27 10.10 -4.69
C GLY A 161 -1.58 9.87 -3.36
N GLY A 162 -1.20 8.62 -3.06
CA GLY A 162 -0.47 8.30 -1.85
C GLY A 162 0.93 8.93 -1.85
N TYR A 163 1.56 8.97 -3.04
CA TYR A 163 2.86 9.62 -3.16
C TYR A 163 2.74 11.10 -2.77
N TYR A 164 1.72 11.78 -3.32
CA TYR A 164 1.47 13.19 -3.03
C TYR A 164 1.24 13.39 -1.53
N ASP A 165 0.42 12.54 -0.92
CA ASP A 165 0.05 12.74 0.48
C ASP A 165 1.33 12.69 1.33
N ILE A 166 2.16 11.66 1.11
CA ILE A 166 3.38 11.45 1.90
C ILE A 166 4.37 12.59 1.65
N LEU A 167 4.50 13.07 0.40
CA LEU A 167 5.43 14.15 0.08
C LEU A 167 5.01 15.48 0.71
N GLN A 168 3.72 15.84 0.69
CA GLN A 168 3.29 17.12 1.27
C GLN A 168 3.44 17.05 2.78
N ALA A 169 3.27 15.88 3.37
CA ALA A 169 3.51 15.75 4.80
C ALA A 169 5.00 15.91 5.11
N THR A 170 5.87 15.45 4.20
CA THR A 170 7.32 15.54 4.43
C THR A 170 7.75 17.01 4.39
N LYS A 171 7.31 17.75 3.37
CA LYS A 171 7.60 19.17 3.27
C LYS A 171 7.14 19.96 4.50
N SER A 172 5.94 19.64 5.00
CA SER A 172 5.41 20.33 6.15
C SER A 172 6.29 20.06 7.38
N ILE A 173 6.76 18.82 7.56
CA ILE A 173 7.61 18.47 8.68
C ILE A 173 8.98 19.17 8.57
N VAL A 174 9.49 19.28 7.34
CA VAL A 174 10.77 19.92 7.11
C VAL A 174 10.67 21.41 7.50
N ASN A 175 9.59 22.08 7.08
CA ASN A 175 9.33 23.47 7.44
C ASN A 175 9.35 23.65 8.95
N LYS A 176 8.68 22.75 9.70
CA LYS A 176 8.62 22.85 11.14
C LYS A 176 10.02 22.71 11.76
N ALA A 177 10.83 21.79 11.21
CA ALA A 177 12.16 21.58 11.77
C ALA A 177 13.03 22.81 11.51
N MET A 178 12.83 23.47 10.36
CA MET A 178 13.60 24.66 10.02
C MET A 178 13.25 25.82 10.95
N ASN A 179 12.01 25.88 11.44
CA ASN A 179 11.54 26.97 12.27
C ASN A 179 11.63 26.65 13.76
N GLY A 180 12.44 25.63 14.10
CA GLY A 180 12.77 25.33 15.48
C GLY A 180 11.62 24.71 16.26
N LEU A 181 10.61 24.16 15.57
CA LEU A 181 9.43 23.62 16.24
C LEU A 181 9.68 22.17 16.68
N LEU A 182 10.64 21.48 16.03
CA LEU A 182 10.85 20.08 16.34
C LEU A 182 12.26 19.64 15.97
N ASP A 183 12.66 18.54 16.60
CA ASP A 183 13.93 17.87 16.37
C ASP A 183 13.67 16.54 15.66
N VAL A 184 14.71 15.98 15.05
CA VAL A 184 14.61 14.71 14.35
C VAL A 184 14.12 13.59 15.29
N GLU A 185 14.38 13.71 16.60
CA GLU A 185 13.99 12.71 17.57
C GLU A 185 12.48 12.72 17.80
N ASP A 186 11.79 13.79 17.34
CA ASP A 186 10.35 13.91 17.50
C ASP A 186 9.60 13.24 16.32
N ILE A 187 10.28 12.92 15.22
CA ILE A 187 9.63 12.42 14.03
C ILE A 187 9.26 10.95 14.24
N ASN A 188 7.96 10.67 14.36
CA ASN A 188 7.46 9.32 14.63
C ASN A 188 6.11 9.12 13.93
N LYS A 189 5.55 7.91 14.04
CA LYS A 189 4.28 7.56 13.40
C LYS A 189 3.17 8.56 13.69
N ASN A 190 3.03 8.96 14.98
CA ASN A 190 1.97 9.89 15.37
C ASN A 190 2.15 11.26 14.73
N LEU A 191 3.38 11.77 14.76
CA LEU A 191 3.64 13.06 14.15
C LEU A 191 3.26 13.02 12.68
N PHE A 192 3.75 12.01 11.96
CA PHE A 192 3.55 11.89 10.52
C PHE A 192 2.05 11.77 10.23
N ASP A 193 1.35 10.99 11.05
CA ASP A 193 -0.08 10.81 10.86
C ASP A 193 -0.81 12.15 10.88
N GLN A 194 -0.45 13.04 11.82
CA GLN A 194 -1.13 14.32 11.99
C GLN A 194 -0.86 15.29 10.84
N GLU A 195 0.08 15.00 9.94
CA GLU A 195 0.34 15.87 8.79
C GLU A 195 -0.24 15.33 7.49
N LEU A 196 -0.77 14.10 7.49
CA LEU A 196 -1.36 13.53 6.27
C LEU A 196 -2.77 14.08 6.08
N GLU A 197 -3.25 14.15 4.84
CA GLU A 197 -4.60 14.59 4.53
C GLU A 197 -5.66 13.57 4.99
N SER A 198 -5.35 12.27 4.99
CA SER A 198 -6.26 11.24 5.49
C SER A 198 -5.67 10.70 6.79
N LYS A 199 -6.39 10.86 7.91
CA LYS A 199 -5.78 10.64 9.21
C LYS A 199 -6.48 9.50 9.94
N CYS A 200 -5.86 9.04 11.04
CA CYS A 200 -6.45 8.11 11.97
C CYS A 200 -7.87 8.56 12.31
N PRO A 201 -8.86 7.65 12.48
CA PRO A 201 -8.69 6.21 12.25
C PRO A 201 -8.68 5.80 10.78
N ASN A 202 -7.78 4.87 10.43
CA ASN A 202 -7.51 4.49 9.05
C ASN A 202 -8.58 3.48 8.60
N PRO A 203 -8.68 3.18 7.29
CA PRO A 203 -9.64 2.18 6.79
C PRO A 203 -9.51 0.77 7.38
N ASP A 204 -10.64 0.21 7.85
CA ASP A 204 -10.70 -1.16 8.33
C ASP A 204 -10.87 -2.12 7.15
N LEU A 205 -11.48 -1.63 6.06
CA LEU A 205 -11.81 -2.45 4.92
C LEU A 205 -11.61 -1.60 3.68
N LEU A 206 -11.06 -2.19 2.62
CA LEU A 206 -10.98 -1.56 1.31
C LEU A 206 -11.74 -2.43 0.33
N ILE A 207 -12.61 -1.80 -0.46
CA ILE A 207 -13.38 -2.46 -1.49
C ILE A 207 -12.92 -1.89 -2.81
N ARG A 208 -12.48 -2.73 -3.75
CA ARG A 208 -12.16 -2.25 -5.09
C ARG A 208 -13.01 -3.03 -6.10
N THR A 209 -13.87 -2.28 -6.80
CA THR A 209 -14.71 -2.79 -7.87
C THR A 209 -13.85 -2.82 -9.10
N GLY A 210 -14.28 -3.54 -10.14
CA GLY A 210 -13.68 -3.43 -11.47
C GLY A 210 -12.71 -4.56 -11.80
N GLY A 211 -12.51 -5.51 -10.86
CA GLY A 211 -11.80 -6.75 -11.18
C GLY A 211 -10.27 -6.72 -11.06
N GLU A 212 -9.63 -5.55 -10.95
CA GLU A 212 -8.17 -5.47 -10.85
C GLU A 212 -7.72 -5.60 -9.40
N GLN A 213 -6.52 -6.19 -9.19
CA GLN A 213 -6.01 -6.46 -7.85
C GLN A 213 -4.72 -5.67 -7.63
N ARG A 214 -4.92 -4.40 -7.23
CA ARG A 214 -3.87 -3.43 -6.99
C ARG A 214 -4.49 -2.23 -6.29
N VAL A 215 -3.65 -1.34 -5.72
CA VAL A 215 -4.16 -0.19 -4.99
C VAL A 215 -4.00 1.10 -5.80
N SER A 216 -3.29 1.06 -6.92
CA SER A 216 -3.21 2.18 -7.85
C SER A 216 -2.94 3.52 -7.16
N ASN A 217 -1.97 3.56 -6.22
CA ASN A 217 -1.50 4.82 -5.62
C ASN A 217 -2.63 5.54 -4.88
N PHE A 218 -3.48 4.79 -4.16
CA PHE A 218 -4.47 5.36 -3.27
C PHE A 218 -3.81 5.64 -1.92
N LEU A 219 -4.46 5.27 -0.80
CA LEU A 219 -4.00 5.62 0.54
C LEU A 219 -2.87 4.69 1.00
N LEU A 220 -1.64 4.87 0.47
CA LEU A 220 -0.53 3.94 0.72
C LEU A 220 -0.20 3.80 2.21
N TRP A 221 0.02 4.89 2.95
CA TRP A 221 0.34 4.82 4.36
C TRP A 221 -0.82 4.26 5.17
N GLN A 222 -2.03 4.71 4.87
CA GLN A 222 -3.20 4.46 5.68
C GLN A 222 -3.70 3.02 5.54
N LEU A 223 -3.35 2.31 4.45
CA LEU A 223 -3.80 0.94 4.21
C LEU A 223 -2.89 -0.15 4.81
N ALA A 224 -1.99 0.21 5.74
CA ALA A 224 -0.95 -0.71 6.18
C ALA A 224 -1.52 -2.00 6.76
N TYR A 225 -2.66 -1.91 7.45
CA TYR A 225 -3.26 -3.06 8.11
C TYR A 225 -4.70 -3.29 7.66
N THR A 226 -5.12 -2.63 6.56
CA THR A 226 -6.48 -2.73 6.06
C THR A 226 -6.72 -4.12 5.46
N GLU A 227 -7.96 -4.62 5.56
CA GLU A 227 -8.37 -5.80 4.80
C GLU A 227 -8.72 -5.41 3.36
N PHE A 228 -8.22 -6.17 2.38
CA PHE A 228 -8.49 -5.88 0.97
C PHE A 228 -9.54 -6.85 0.42
N TYR A 229 -10.58 -6.31 -0.20
CA TYR A 229 -11.63 -7.05 -0.88
C TYR A 229 -11.72 -6.54 -2.31
N PHE A 230 -11.49 -7.43 -3.27
CA PHE A 230 -11.58 -7.11 -4.70
C PHE A 230 -12.79 -7.85 -5.29
N THR A 231 -13.62 -7.13 -6.07
CA THR A 231 -14.75 -7.72 -6.77
C THR A 231 -14.62 -7.43 -8.26
N ASN A 232 -15.16 -8.35 -9.06
CA ASN A 232 -15.19 -8.21 -10.52
C ASN A 232 -16.35 -7.32 -10.92
N THR A 233 -17.32 -7.10 -10.01
CA THR A 233 -18.44 -6.22 -10.27
C THR A 233 -17.92 -4.83 -10.66
N LEU A 234 -18.40 -4.29 -11.77
CA LEU A 234 -18.06 -2.95 -12.19
C LEU A 234 -18.82 -1.95 -11.33
N PHE A 235 -18.27 -0.73 -11.18
CA PHE A 235 -18.77 0.23 -10.18
C PHE A 235 -20.26 0.55 -10.42
N PRO A 236 -20.69 0.86 -11.67
CA PRO A 236 -22.10 1.15 -11.92
C PRO A 236 -23.11 0.05 -11.56
N ASP A 237 -22.67 -1.21 -11.46
CA ASP A 237 -23.54 -2.32 -11.06
C ASP A 237 -23.39 -2.62 -9.57
N PHE A 238 -22.58 -1.85 -8.85
CA PHE A 238 -22.30 -2.17 -7.46
C PHE A 238 -23.46 -1.64 -6.62
N GLY A 239 -24.21 -2.54 -5.99
CA GLY A 239 -25.43 -2.19 -5.29
C GLY A 239 -25.41 -2.74 -3.87
N GLU A 240 -26.50 -2.50 -3.14
CA GLU A 240 -26.63 -2.87 -1.73
C GLU A 240 -26.24 -4.33 -1.47
N GLU A 241 -26.58 -5.24 -2.39
CA GLU A 241 -26.31 -6.66 -2.21
C GLU A 241 -24.81 -6.90 -2.26
N ASP A 242 -24.15 -6.32 -3.27
CA ASP A 242 -22.70 -6.36 -3.41
C ASP A 242 -22.00 -5.82 -2.15
N LEU A 243 -22.46 -4.68 -1.63
CA LEU A 243 -21.89 -4.09 -0.42
C LEU A 243 -22.02 -5.01 0.79
N LYS A 244 -23.21 -5.59 0.99
CA LYS A 244 -23.48 -6.43 2.16
C LYS A 244 -22.62 -7.70 2.09
N GLU A 245 -22.31 -8.16 0.87
CA GLU A 245 -21.42 -9.29 0.67
C GLU A 245 -20.02 -8.94 1.17
N ALA A 246 -19.49 -7.79 0.72
CA ALA A 246 -18.17 -7.35 1.15
C ALA A 246 -18.09 -7.30 2.67
N ILE A 247 -19.13 -6.77 3.31
CA ILE A 247 -19.10 -6.65 4.77
C ILE A 247 -19.17 -8.02 5.43
N MET A 248 -19.95 -8.94 4.86
CA MET A 248 -20.04 -10.30 5.37
C MET A 248 -18.67 -10.98 5.29
N ASN A 249 -18.01 -10.87 4.13
CA ASN A 249 -16.65 -11.35 3.95
C ASN A 249 -15.71 -10.74 5.00
N PHE A 250 -15.87 -9.44 5.30
CA PHE A 250 -15.00 -8.80 6.28
C PHE A 250 -15.17 -9.44 7.65
N GLN A 251 -16.40 -9.77 8.03
CA GLN A 251 -16.67 -10.27 9.38
C GLN A 251 -16.18 -11.71 9.55
N GLN A 252 -16.10 -12.45 8.44
CA GLN A 252 -15.55 -13.80 8.46
C GLN A 252 -14.03 -13.77 8.67
N ARG A 253 -13.37 -12.73 8.17
CA ARG A 253 -11.92 -12.60 8.30
C ARG A 253 -11.56 -12.37 9.77
N HIS A 254 -12.36 -11.57 10.48
CA HIS A 254 -12.08 -11.28 11.87
C HIS A 254 -12.41 -12.44 12.81
N ARG A 255 -13.19 -13.43 12.37
CA ARG A 255 -13.45 -14.59 13.22
C ARG A 255 -12.18 -15.43 13.33
N ARG A 256 -11.33 -15.41 12.29
CA ARG A 256 -10.10 -16.18 12.34
C ARG A 256 -8.88 -15.29 12.56
N PHE A 257 -9.11 -14.03 12.97
CA PHE A 257 -8.04 -13.07 13.22
C PHE A 257 -7.95 -12.87 14.74
N GLY A 258 -7.24 -13.79 15.42
CA GLY A 258 -7.14 -13.78 16.87
C GLY A 258 -8.22 -14.64 17.50
N ILE B 11 3.36 26.85 0.69
CA ILE B 11 2.21 25.88 0.63
C ILE B 11 1.61 25.94 -0.79
N SER B 12 2.24 25.21 -1.72
CA SER B 12 1.82 25.20 -3.11
C SER B 12 1.98 23.80 -3.71
N CYS B 13 0.90 23.28 -4.30
CA CYS B 13 0.90 21.96 -4.92
C CYS B 13 0.74 22.11 -6.43
N SER B 14 1.24 21.12 -7.16
CA SER B 14 1.06 21.08 -8.60
C SER B 14 1.43 19.69 -9.12
N LEU B 15 0.48 19.01 -9.78
CA LEU B 15 0.59 17.59 -10.08
C LEU B 15 0.17 17.31 -11.53
N ASN B 16 -0.04 18.40 -12.28
CA ASN B 16 -0.84 18.39 -13.50
C ASN B 16 -0.01 17.92 -14.68
N LEU B 17 1.23 18.44 -14.78
CA LEU B 17 2.14 18.06 -15.84
C LEU B 17 3.35 17.38 -15.23
N GLN B 18 3.39 16.04 -15.29
CA GLN B 18 4.50 15.26 -14.79
C GLN B 18 5.28 14.71 -16.01
N LYS B 21 8.28 8.34 -14.53
CA LYS B 21 8.43 8.54 -13.06
C LYS B 21 8.28 7.20 -12.35
N LEU B 22 7.40 6.33 -12.86
CA LEU B 22 7.14 5.03 -12.26
C LEU B 22 8.27 4.05 -12.57
N CYS B 23 8.47 3.09 -11.66
CA CYS B 23 9.61 2.18 -11.65
C CYS B 23 9.11 0.74 -11.75
N TYR B 24 8.41 0.39 -12.84
CA TYR B 24 7.77 -0.92 -13.01
C TYR B 24 8.09 -1.50 -14.39
N GLU B 25 7.88 -2.81 -14.55
CA GLU B 25 8.17 -3.54 -15.77
C GLU B 25 9.52 -3.08 -16.37
N LEU B 35 6.62 -9.72 -20.43
CA LEU B 35 6.40 -11.19 -20.28
C LEU B 35 6.65 -11.57 -18.82
N MET B 36 7.86 -11.31 -18.30
CA MET B 36 8.27 -11.78 -16.97
C MET B 36 8.32 -10.64 -15.97
N PRO B 37 7.91 -10.83 -14.68
CA PRO B 37 8.13 -9.82 -13.65
C PRO B 37 9.59 -9.68 -13.24
N LYS B 38 10.09 -8.44 -13.23
CA LYS B 38 11.48 -8.17 -12.93
C LYS B 38 11.76 -8.36 -11.44
N HIS B 39 10.79 -7.97 -10.60
CA HIS B 39 10.96 -7.93 -9.15
C HIS B 39 9.70 -8.52 -8.50
N ILE B 40 9.91 -9.51 -7.63
CA ILE B 40 8.83 -10.15 -6.92
C ILE B 40 9.01 -9.89 -5.42
N ALA B 41 7.94 -9.43 -4.76
CA ALA B 41 7.92 -9.31 -3.32
C ALA B 41 7.16 -10.50 -2.75
N LEU B 42 7.54 -10.93 -1.54
CA LEU B 42 7.05 -12.21 -1.04
C LEU B 42 6.72 -12.08 0.43
N ILE B 43 5.46 -12.37 0.78
CA ILE B 43 5.07 -12.45 2.17
C ILE B 43 4.88 -13.93 2.47
N MET B 44 5.68 -14.43 3.41
CA MET B 44 5.81 -15.85 3.71
C MET B 44 4.96 -16.16 4.95
N ASP B 45 3.71 -16.54 4.73
CA ASP B 45 2.76 -16.73 5.82
C ASP B 45 2.31 -18.19 5.82
N GLY B 46 1.97 -18.70 7.01
CA GLY B 46 1.28 -19.98 7.17
C GLY B 46 2.12 -21.07 7.84
N ASN B 47 3.18 -20.67 8.55
CA ASN B 47 4.16 -21.63 9.05
C ASN B 47 3.62 -22.39 10.26
N ARG B 48 2.95 -21.69 11.17
CA ARG B 48 2.52 -22.33 12.41
C ARG B 48 1.36 -23.28 12.13
N ARG B 49 0.37 -22.84 11.33
CA ARG B 49 -0.76 -23.69 10.99
C ARG B 49 -0.27 -24.98 10.36
N TRP B 50 0.72 -24.86 9.46
CA TRP B 50 1.28 -26.00 8.74
C TRP B 50 1.85 -27.04 9.71
N ALA B 51 2.60 -26.60 10.72
CA ALA B 51 3.18 -27.51 11.69
C ALA B 51 2.07 -28.15 12.51
N LYS B 52 1.18 -27.33 13.08
CA LYS B 52 0.09 -27.80 13.94
C LYS B 52 -0.77 -28.85 13.23
N ASP B 53 -0.95 -28.68 11.91
CA ASP B 53 -1.67 -29.63 11.09
C ASP B 53 -0.94 -30.96 11.07
N LYS B 54 0.38 -30.94 10.85
CA LYS B 54 1.18 -32.15 10.74
C LYS B 54 1.51 -32.78 12.10
N GLY B 55 0.93 -32.24 13.19
CA GLY B 55 1.19 -32.73 14.54
C GLY B 55 2.63 -32.51 14.99
N LEU B 56 3.40 -31.70 14.23
CA LEU B 56 4.78 -31.37 14.55
C LEU B 56 4.83 -30.29 15.63
N GLU B 57 6.05 -29.85 15.94
CA GLU B 57 6.31 -28.83 16.94
C GLU B 57 5.91 -27.45 16.41
N VAL B 58 5.64 -26.53 17.35
CA VAL B 58 5.17 -25.19 17.07
C VAL B 58 6.02 -24.50 15.99
N TYR B 59 7.36 -24.64 16.10
CA TYR B 59 8.29 -23.84 15.33
C TYR B 59 8.87 -24.62 14.15
N GLU B 60 8.35 -25.82 13.90
CA GLU B 60 8.83 -26.65 12.82
C GLU B 60 8.65 -25.93 11.48
N GLY B 61 7.57 -25.15 11.37
CA GLY B 61 7.28 -24.39 10.16
C GLY B 61 8.39 -23.36 9.88
N HIS B 62 8.81 -22.63 10.92
CA HIS B 62 9.83 -21.61 10.76
C HIS B 62 11.12 -22.17 10.14
N LYS B 63 11.37 -23.47 10.35
CA LYS B 63 12.64 -24.05 9.91
C LYS B 63 12.70 -24.16 8.40
N HIS B 64 11.57 -23.97 7.69
CA HIS B 64 11.54 -24.07 6.24
C HIS B 64 11.85 -22.74 5.53
N ILE B 65 11.99 -21.65 6.30
CA ILE B 65 12.04 -20.31 5.71
C ILE B 65 13.27 -20.18 4.81
N ILE B 66 14.47 -20.36 5.38
CA ILE B 66 15.68 -20.04 4.65
C ILE B 66 15.84 -21.03 3.49
N PRO B 67 15.70 -22.35 3.73
CA PRO B 67 15.72 -23.34 2.65
C PRO B 67 14.78 -23.03 1.48
N LYS B 68 13.51 -22.80 1.80
CA LYS B 68 12.53 -22.41 0.79
C LYS B 68 13.03 -21.19 0.02
N LEU B 69 13.54 -20.17 0.72
CA LEU B 69 13.93 -18.93 0.05
C LEU B 69 15.03 -19.22 -0.97
N LYS B 70 16.01 -20.01 -0.54
CA LYS B 70 17.10 -20.45 -1.38
C LYS B 70 16.57 -21.17 -2.62
N GLU B 71 15.68 -22.14 -2.39
CA GLU B 71 15.02 -22.86 -3.47
C GLU B 71 14.26 -21.92 -4.40
N ILE B 72 13.51 -20.97 -3.83
CA ILE B 72 12.75 -20.03 -4.64
C ILE B 72 13.69 -19.18 -5.49
N CYS B 73 14.82 -18.73 -4.90
CA CYS B 73 15.77 -17.93 -5.66
C CYS B 73 16.27 -18.70 -6.89
N ASP B 74 16.57 -20.00 -6.69
CA ASP B 74 17.07 -20.87 -7.75
C ASP B 74 16.06 -20.97 -8.89
N ILE B 75 14.80 -21.28 -8.56
CA ILE B 75 13.76 -21.38 -9.58
C ILE B 75 13.61 -20.06 -10.31
N SER B 76 13.55 -18.95 -9.55
CA SER B 76 13.24 -17.63 -10.10
C SER B 76 14.39 -17.17 -11.00
N SER B 77 15.62 -17.43 -10.52
CA SER B 77 16.83 -17.04 -11.21
C SER B 77 16.84 -17.63 -12.62
N LYS B 78 16.40 -18.90 -12.74
CA LYS B 78 16.39 -19.60 -14.02
C LYS B 78 15.35 -18.98 -14.95
N LEU B 79 14.23 -18.49 -14.39
CA LEU B 79 13.12 -17.98 -15.16
C LEU B 79 13.43 -16.60 -15.74
N GLY B 80 14.40 -15.88 -15.18
CA GLY B 80 14.77 -14.56 -15.68
C GLY B 80 14.35 -13.43 -14.73
N ILE B 81 13.86 -13.76 -13.54
CA ILE B 81 13.55 -12.78 -12.51
C ILE B 81 14.88 -12.26 -11.97
N GLN B 82 14.93 -10.98 -11.61
CA GLN B 82 16.16 -10.30 -11.22
C GLN B 82 16.22 -9.95 -9.74
N ILE B 83 15.07 -9.67 -9.10
CA ILE B 83 15.03 -9.25 -7.70
C ILE B 83 13.94 -10.04 -6.94
N ILE B 84 14.21 -10.43 -5.70
CA ILE B 84 13.19 -10.89 -4.77
C ILE B 84 13.37 -10.16 -3.44
N THR B 85 12.28 -9.52 -2.95
CA THR B 85 12.25 -8.97 -1.60
C THR B 85 11.29 -9.83 -0.77
N ALA B 86 11.79 -10.33 0.38
CA ALA B 86 11.09 -11.33 1.16
C ALA B 86 10.90 -10.82 2.58
N PHE B 87 9.67 -10.96 3.10
CA PHE B 87 9.36 -10.44 4.42
C PHE B 87 9.59 -11.57 5.42
N ALA B 88 10.68 -11.44 6.20
CA ALA B 88 11.12 -12.49 7.12
C ALA B 88 10.75 -12.18 8.57
N PHE B 89 10.75 -10.88 8.95
CA PHE B 89 10.41 -10.49 10.32
C PHE B 89 9.95 -9.04 10.32
N SER B 90 8.74 -8.81 10.84
CA SER B 90 8.13 -7.49 10.80
C SER B 90 8.29 -6.80 12.14
N THR B 91 8.10 -5.48 12.14
CA THR B 91 8.18 -4.70 13.37
C THR B 91 7.14 -5.20 14.38
N GLU B 92 6.08 -5.87 13.91
CA GLU B 92 5.02 -6.31 14.79
C GLU B 92 5.31 -7.70 15.35
N ASN B 93 6.30 -8.39 14.77
CA ASN B 93 6.62 -9.75 15.19
C ASN B 93 7.25 -9.75 16.59
N TRP B 94 7.75 -8.59 17.06
CA TRP B 94 8.32 -8.52 18.40
C TRP B 94 7.29 -8.86 19.46
N LYS B 95 5.99 -8.75 19.14
CA LYS B 95 4.95 -8.93 20.14
C LYS B 95 4.61 -10.40 20.35
N ARG B 96 5.21 -11.31 19.57
CA ARG B 96 5.07 -12.73 19.84
C ARG B 96 5.86 -13.10 21.10
N SER B 97 5.72 -14.36 21.56
CA SER B 97 6.32 -14.79 22.80
C SER B 97 7.84 -14.71 22.73
N LYS B 98 8.50 -14.48 23.87
CA LYS B 98 9.95 -14.43 23.93
C LYS B 98 10.54 -15.73 23.40
N GLU B 99 9.95 -16.88 23.76
CA GLU B 99 10.38 -18.16 23.25
C GLU B 99 10.42 -18.13 21.73
N GLU B 100 9.28 -17.81 21.09
CA GLU B 100 9.16 -17.83 19.64
C GLU B 100 10.13 -16.82 19.00
N VAL B 101 10.27 -15.63 19.61
CA VAL B 101 11.13 -14.58 19.07
C VAL B 101 12.58 -15.08 19.05
N ASP B 102 13.10 -15.48 20.21
CA ASP B 102 14.49 -15.91 20.34
C ASP B 102 14.82 -17.03 19.36
N PHE B 103 13.85 -17.91 19.11
CA PHE B 103 14.03 -19.03 18.21
C PHE B 103 14.22 -18.53 16.78
N LEU B 104 13.37 -17.58 16.37
CA LEU B 104 13.43 -17.01 15.02
C LEU B 104 14.76 -16.28 14.81
N LEU B 105 15.16 -15.46 15.79
CA LEU B 105 16.33 -14.60 15.68
C LEU B 105 17.60 -15.43 15.73
N GLN B 106 17.58 -16.54 16.46
CA GLN B 106 18.68 -17.47 16.42
C GLN B 106 18.70 -18.16 15.06
N MET B 107 17.53 -18.57 14.56
CA MET B 107 17.48 -19.33 13.31
C MET B 107 17.97 -18.51 12.11
N PHE B 108 17.87 -17.18 12.17
CA PHE B 108 18.28 -16.33 11.05
C PHE B 108 19.79 -16.37 10.85
N GLU B 109 20.53 -16.91 11.83
CA GLU B 109 21.97 -17.04 11.71
C GLU B 109 22.33 -17.94 10.53
N GLU B 110 21.42 -18.86 10.18
CA GLU B 110 21.59 -19.78 9.06
C GLU B 110 21.79 -19.07 7.72
N ILE B 111 21.53 -17.75 7.67
CA ILE B 111 21.59 -17.04 6.41
C ILE B 111 23.00 -17.13 5.80
N TYR B 112 24.04 -17.09 6.65
CA TYR B 112 25.41 -17.15 6.16
C TYR B 112 25.70 -18.48 5.45
N ASP B 113 25.44 -19.60 6.17
CA ASP B 113 25.70 -20.94 5.65
C ASP B 113 24.98 -21.17 4.34
N GLU B 114 23.70 -20.77 4.27
CA GLU B 114 22.83 -21.10 3.15
C GLU B 114 23.17 -20.32 1.90
N PHE B 115 23.73 -19.11 2.05
CA PHE B 115 23.86 -18.20 0.91
C PHE B 115 25.32 -17.87 0.56
N SER B 116 26.22 -17.97 1.55
CA SER B 116 27.59 -17.48 1.42
C SER B 116 28.26 -17.96 0.12
N ARG B 117 28.05 -19.24 -0.23
CA ARG B 117 28.74 -19.85 -1.35
C ARG B 117 27.83 -20.01 -2.59
N SER B 118 26.72 -19.27 -2.64
CA SER B 118 25.79 -19.33 -3.77
C SER B 118 26.20 -18.33 -4.84
N GLY B 119 25.39 -18.24 -5.90
CA GLY B 119 25.55 -17.19 -6.91
C GLY B 119 24.67 -15.95 -6.66
N VAL B 120 24.07 -15.85 -5.47
CA VAL B 120 23.03 -14.87 -5.18
C VAL B 120 23.61 -13.71 -4.37
N ARG B 121 23.32 -12.47 -4.77
CA ARG B 121 23.65 -11.29 -3.99
C ARG B 121 22.60 -11.02 -2.90
N VAL B 122 23.03 -10.80 -1.65
CA VAL B 122 22.13 -10.74 -0.50
C VAL B 122 22.28 -9.43 0.28
N SER B 123 21.16 -8.68 0.43
CA SER B 123 21.07 -7.48 1.25
C SER B 123 20.00 -7.67 2.32
N ILE B 124 20.18 -6.99 3.46
CA ILE B 124 19.17 -6.95 4.51
C ILE B 124 18.67 -5.52 4.66
N ILE B 125 17.35 -5.33 4.80
CA ILE B 125 16.76 -4.03 5.09
C ILE B 125 16.04 -4.15 6.42
N GLY B 126 15.93 -3.04 7.14
CA GLY B 126 15.37 -3.06 8.48
C GLY B 126 16.34 -2.50 9.51
N CYS B 127 15.90 -2.46 10.77
CA CYS B 127 16.68 -1.86 11.83
C CYS B 127 17.62 -2.91 12.42
N LYS B 128 18.86 -2.93 11.94
CA LYS B 128 19.82 -3.96 12.32
C LYS B 128 20.27 -3.85 13.78
N SER B 129 20.29 -2.63 14.32
CA SER B 129 20.86 -2.38 15.64
C SER B 129 20.00 -2.96 16.76
N ASP B 130 18.74 -3.32 16.51
CA ASP B 130 17.90 -3.95 17.51
C ASP B 130 18.22 -5.44 17.68
N LEU B 131 18.96 -6.01 16.72
CA LEU B 131 19.16 -7.45 16.67
C LEU B 131 20.38 -7.86 17.50
N PRO B 132 20.43 -9.11 18.03
CA PRO B 132 21.63 -9.62 18.68
C PRO B 132 22.87 -9.39 17.83
N MET B 133 23.99 -9.04 18.50
CA MET B 133 25.23 -8.73 17.83
C MET B 133 25.73 -9.89 16.99
N THR B 134 25.51 -11.12 17.46
CA THR B 134 25.91 -12.28 16.68
C THR B 134 25.17 -12.23 15.34
N LEU B 135 23.88 -11.85 15.34
CA LEU B 135 23.08 -11.76 14.12
C LEU B 135 23.57 -10.60 13.25
N GLN B 136 23.86 -9.46 13.89
CA GLN B 136 24.39 -8.31 13.16
C GLN B 136 25.65 -8.69 12.39
N LYS B 137 26.54 -9.48 13.01
CA LYS B 137 27.83 -9.83 12.41
C LYS B 137 27.64 -10.78 11.23
N CYS B 138 26.82 -11.82 11.43
CA CYS B 138 26.46 -12.75 10.36
C CYS B 138 25.92 -12.00 9.13
N ILE B 139 25.04 -11.02 9.37
CA ILE B 139 24.40 -10.27 8.30
C ILE B 139 25.47 -9.51 7.53
N ALA B 140 26.29 -8.73 8.24
CA ALA B 140 27.33 -7.93 7.60
C ALA B 140 28.27 -8.82 6.78
N LEU B 141 28.63 -9.98 7.35
CA LEU B 141 29.48 -10.92 6.65
C LEU B 141 28.79 -11.46 5.39
N THR B 142 27.52 -11.86 5.51
CA THR B 142 26.79 -12.43 4.37
C THR B 142 26.72 -11.40 3.24
N GLU B 143 26.49 -10.12 3.60
CA GLU B 143 26.42 -9.02 2.65
C GLU B 143 27.77 -8.81 1.95
N GLU B 144 28.83 -8.76 2.76
CA GLU B 144 30.18 -8.55 2.25
C GLU B 144 30.61 -9.66 1.28
N THR B 145 30.39 -10.92 1.65
CA THR B 145 30.82 -12.05 0.83
C THR B 145 30.12 -12.03 -0.53
N THR B 146 28.80 -11.77 -0.54
CA THR B 146 27.98 -11.96 -1.73
C THR B 146 27.86 -10.68 -2.53
N LYS B 147 28.38 -9.55 -2.03
CA LYS B 147 28.16 -8.25 -2.65
C LYS B 147 28.59 -8.23 -4.11
N GLY B 148 29.44 -9.17 -4.53
CA GLY B 148 30.03 -9.16 -5.86
C GLY B 148 29.24 -10.01 -6.86
N ASN B 149 28.36 -10.88 -6.37
CA ASN B 149 27.67 -11.82 -7.23
C ASN B 149 26.82 -11.08 -8.24
N LYS B 150 26.74 -11.65 -9.44
CA LYS B 150 26.17 -10.98 -10.60
C LYS B 150 24.78 -11.51 -10.93
N GLY B 151 24.26 -12.44 -10.10
CA GLY B 151 23.00 -13.09 -10.39
C GLY B 151 21.82 -12.35 -9.75
N LEU B 152 20.95 -13.11 -9.10
CA LEU B 152 19.68 -12.60 -8.60
C LEU B 152 19.94 -11.85 -7.29
N HIS B 153 19.30 -10.69 -7.13
CA HIS B 153 19.44 -9.92 -5.91
C HIS B 153 18.31 -10.30 -4.94
N LEU B 154 18.67 -10.94 -3.81
CA LEU B 154 17.74 -11.28 -2.75
C LEU B 154 17.82 -10.23 -1.66
N VAL B 155 16.70 -9.54 -1.39
CA VAL B 155 16.60 -8.59 -0.29
C VAL B 155 15.76 -9.23 0.82
N ILE B 156 16.32 -9.31 2.02
CA ILE B 156 15.63 -9.93 3.14
C ILE B 156 15.23 -8.83 4.13
N ALA B 157 13.90 -8.64 4.31
CA ALA B 157 13.40 -7.61 5.18
C ALA B 157 13.29 -8.19 6.58
N LEU B 158 14.20 -7.77 7.46
CA LEU B 158 14.33 -8.34 8.78
C LEU B 158 14.31 -7.20 9.78
N ASN B 159 13.33 -7.23 10.68
CA ASN B 159 12.99 -6.11 11.54
C ASN B 159 12.66 -4.89 10.69
N TYR B 160 11.72 -5.06 9.75
CA TYR B 160 11.35 -4.02 8.81
C TYR B 160 9.86 -3.74 8.90
N GLY B 161 9.51 -2.53 8.44
CA GLY B 161 8.14 -2.10 8.23
C GLY B 161 8.11 -0.93 7.27
N GLY B 162 6.98 -0.79 6.55
CA GLY B 162 6.78 0.35 5.67
C GLY B 162 6.77 1.68 6.40
N TYR B 163 6.20 1.70 7.60
CA TYR B 163 6.18 2.92 8.40
C TYR B 163 7.61 3.33 8.72
N TYR B 164 8.43 2.36 9.19
CA TYR B 164 9.83 2.60 9.51
C TYR B 164 10.57 3.14 8.28
N ASP B 165 10.37 2.53 7.11
CA ASP B 165 11.12 2.91 5.93
C ASP B 165 10.87 4.38 5.62
N ILE B 166 9.58 4.79 5.59
CA ILE B 166 9.18 6.15 5.27
C ILE B 166 9.69 7.13 6.33
N LEU B 167 9.67 6.73 7.61
CA LEU B 167 10.12 7.62 8.67
C LEU B 167 11.63 7.87 8.61
N GLN B 168 12.45 6.83 8.40
CA GLN B 168 13.90 7.01 8.37
C GLN B 168 14.27 7.84 7.14
N ALA B 169 13.53 7.71 6.04
CA ALA B 169 13.78 8.54 4.87
C ALA B 169 13.46 10.01 5.18
N THR B 170 12.40 10.24 5.99
CA THR B 170 11.98 11.59 6.32
C THR B 170 13.03 12.27 7.20
N LYS B 171 13.51 11.58 8.23
CA LYS B 171 14.57 12.09 9.08
C LYS B 171 15.83 12.47 8.29
N SER B 172 16.24 11.60 7.36
CA SER B 172 17.42 11.84 6.54
C SER B 172 17.24 13.14 5.73
N ILE B 173 16.06 13.32 5.14
CA ILE B 173 15.77 14.51 4.34
C ILE B 173 15.76 15.77 5.20
N VAL B 174 15.25 15.66 6.43
CA VAL B 174 15.15 16.78 7.34
C VAL B 174 16.56 17.23 7.69
N ASN B 175 17.45 16.27 8.01
CA ASN B 175 18.81 16.58 8.39
C ASN B 175 19.51 17.34 7.27
N LYS B 176 19.34 16.88 6.03
CA LYS B 176 19.92 17.55 4.87
C LYS B 176 19.39 18.97 4.73
N ALA B 177 18.08 19.19 4.92
CA ALA B 177 17.52 20.53 4.75
C ALA B 177 18.05 21.46 5.84
N MET B 178 18.28 20.92 7.04
CA MET B 178 18.78 21.72 8.14
C MET B 178 20.22 22.15 7.89
N ASN B 179 20.99 21.35 7.14
CA ASN B 179 22.39 21.61 6.89
C ASN B 179 22.62 22.25 5.51
N GLY B 180 21.57 22.79 4.89
CA GLY B 180 21.72 23.56 3.66
C GLY B 180 22.05 22.70 2.43
N LEU B 181 21.85 21.38 2.52
CA LEU B 181 22.20 20.48 1.43
C LEU B 181 21.06 20.30 0.44
N LEU B 182 19.83 20.71 0.83
CA LEU B 182 18.70 20.74 -0.08
C LEU B 182 17.66 21.72 0.46
N ASP B 183 16.71 22.13 -0.37
CA ASP B 183 15.59 22.93 0.09
C ASP B 183 14.28 22.23 -0.27
N VAL B 184 13.18 22.77 0.29
CA VAL B 184 11.90 22.11 0.23
C VAL B 184 11.44 21.87 -1.21
N GLU B 185 11.90 22.68 -2.16
CA GLU B 185 11.44 22.57 -3.53
C GLU B 185 12.12 21.40 -4.23
N ASP B 186 13.12 20.79 -3.59
CA ASP B 186 13.76 19.60 -4.12
C ASP B 186 13.03 18.31 -3.72
N ILE B 187 12.14 18.35 -2.74
CA ILE B 187 11.50 17.15 -2.21
C ILE B 187 10.45 16.63 -3.20
N ASN B 188 10.74 15.51 -3.86
CA ASN B 188 9.88 14.94 -4.88
C ASN B 188 10.00 13.41 -4.88
N LYS B 189 9.27 12.73 -5.76
CA LYS B 189 9.22 11.28 -5.79
C LYS B 189 10.61 10.67 -5.94
N ASN B 190 11.44 11.24 -6.81
CA ASN B 190 12.79 10.73 -7.05
C ASN B 190 13.67 10.89 -5.82
N LEU B 191 13.61 12.04 -5.17
CA LEU B 191 14.37 12.25 -3.96
C LEU B 191 14.02 11.16 -2.95
N PHE B 192 12.72 10.99 -2.69
CA PHE B 192 12.24 10.08 -1.65
C PHE B 192 12.63 8.65 -2.01
N ASP B 193 12.56 8.31 -3.30
CA ASP B 193 12.95 6.98 -3.75
C ASP B 193 14.40 6.69 -3.36
N GLN B 194 15.31 7.67 -3.51
CA GLN B 194 16.73 7.46 -3.25
C GLN B 194 17.02 7.32 -1.75
N GLU B 195 16.14 7.81 -0.87
CA GLU B 195 16.36 7.72 0.57
C GLU B 195 15.75 6.48 1.23
N LEU B 196 14.83 5.78 0.56
CA LEU B 196 14.18 4.60 1.11
C LEU B 196 15.14 3.40 1.01
N GLU B 197 15.03 2.44 1.93
CA GLU B 197 15.88 1.26 1.93
C GLU B 197 15.50 0.28 0.82
N SER B 198 14.23 0.22 0.39
CA SER B 198 13.82 -0.54 -0.79
C SER B 198 13.60 0.43 -1.95
N LYS B 199 14.36 0.27 -3.03
CA LYS B 199 14.47 1.31 -4.03
C LYS B 199 13.95 0.81 -5.37
N CYS B 200 13.82 1.75 -6.33
CA CYS B 200 13.51 1.40 -7.71
C CYS B 200 14.52 0.38 -8.21
N PRO B 201 14.16 -0.58 -9.08
CA PRO B 201 12.77 -0.80 -9.53
C PRO B 201 11.88 -1.50 -8.51
N ASN B 202 10.62 -1.06 -8.37
CA ASN B 202 9.71 -1.57 -7.34
C ASN B 202 9.10 -2.90 -7.77
N PRO B 203 8.46 -3.66 -6.86
CA PRO B 203 7.85 -4.95 -7.20
C PRO B 203 6.77 -4.90 -8.27
N ASP B 204 6.90 -5.75 -9.30
CA ASP B 204 5.89 -5.90 -10.33
C ASP B 204 4.78 -6.82 -9.84
N LEU B 205 5.12 -7.73 -8.91
CA LEU B 205 4.21 -8.76 -8.45
C LEU B 205 4.45 -8.96 -6.96
N LEU B 206 3.38 -9.10 -6.19
CA LEU B 206 3.48 -9.46 -4.78
C LEU B 206 2.72 -10.77 -4.61
N ILE B 207 3.38 -11.77 -4.01
CA ILE B 207 2.76 -13.06 -3.75
C ILE B 207 2.59 -13.17 -2.25
N ARG B 208 1.37 -13.38 -1.78
CA ARG B 208 1.17 -13.63 -0.36
C ARG B 208 0.56 -15.03 -0.16
N THR B 209 1.37 -15.92 0.44
CA THR B 209 0.96 -17.25 0.85
C THR B 209 0.20 -17.09 2.15
N GLY B 210 -0.61 -18.08 2.52
CA GLY B 210 -1.18 -18.13 3.86
C GLY B 210 -2.64 -17.70 3.91
N GLY B 211 -3.24 -17.36 2.74
CA GLY B 211 -4.67 -17.16 2.63
C GLY B 211 -5.22 -15.78 3.06
N GLU B 212 -4.43 -14.91 3.73
CA GLU B 212 -4.91 -13.61 4.17
C GLU B 212 -4.72 -12.55 3.08
N GLN B 213 -5.60 -11.54 3.05
CA GLN B 213 -5.55 -10.51 2.01
C GLN B 213 -5.33 -9.14 2.65
N ARG B 214 -4.04 -8.84 2.92
CA ARG B 214 -3.60 -7.55 3.41
C ARG B 214 -2.08 -7.44 3.20
N VAL B 215 -1.50 -6.27 3.48
CA VAL B 215 -0.06 -6.09 3.28
C VAL B 215 0.70 -6.07 4.61
N SER B 216 0.00 -5.91 5.74
CA SER B 216 0.62 -5.99 7.05
C SER B 216 1.93 -5.20 7.13
N ASN B 217 1.90 -3.93 6.70
CA ASN B 217 3.00 -3.00 6.93
C ASN B 217 4.29 -3.49 6.28
N PHE B 218 4.21 -4.04 5.06
CA PHE B 218 5.38 -4.36 4.26
C PHE B 218 5.79 -3.11 3.47
N LEU B 219 6.00 -3.22 2.15
CA LEU B 219 6.55 -2.13 1.36
C LEU B 219 5.45 -1.15 0.94
N LEU B 220 4.96 -0.33 1.87
CA LEU B 220 3.85 0.60 1.62
C LEU B 220 4.06 1.52 0.42
N TRP B 221 5.15 2.30 0.37
CA TRP B 221 5.42 3.23 -0.74
C TRP B 221 5.62 2.46 -2.06
N GLN B 222 6.36 1.35 -1.98
CA GLN B 222 6.85 0.67 -3.17
C GLN B 222 5.75 -0.12 -3.88
N LEU B 223 4.62 -0.42 -3.21
CA LEU B 223 3.58 -1.27 -3.78
C LEU B 223 2.49 -0.51 -4.54
N ALA B 224 2.75 0.76 -4.89
CA ALA B 224 1.71 1.65 -5.38
C ALA B 224 1.01 1.09 -6.62
N TYR B 225 1.76 0.43 -7.52
CA TYR B 225 1.19 -0.11 -8.74
C TYR B 225 1.55 -1.59 -8.91
N THR B 226 1.90 -2.26 -7.82
CA THR B 226 2.19 -3.68 -7.82
C THR B 226 0.90 -4.51 -8.04
N GLU B 227 0.99 -5.57 -8.86
CA GLU B 227 -0.07 -6.57 -8.95
C GLU B 227 0.00 -7.52 -7.75
N PHE B 228 -1.14 -7.77 -7.13
CA PHE B 228 -1.23 -8.64 -5.96
C PHE B 228 -1.79 -10.01 -6.37
N TYR B 229 -1.12 -11.07 -5.90
CA TYR B 229 -1.59 -12.45 -6.00
C TYR B 229 -1.64 -13.06 -4.60
N PHE B 230 -2.82 -13.54 -4.18
CA PHE B 230 -3.01 -14.18 -2.89
C PHE B 230 -3.32 -15.66 -3.10
N THR B 231 -2.65 -16.54 -2.33
CA THR B 231 -2.91 -17.98 -2.37
C THR B 231 -3.18 -18.48 -0.96
N ASN B 232 -4.00 -19.54 -0.88
CA ASN B 232 -4.32 -20.18 0.40
C ASN B 232 -3.20 -21.12 0.81
N THR B 233 -2.34 -21.51 -0.14
CA THR B 233 -1.19 -22.36 0.13
C THR B 233 -0.38 -21.79 1.29
N LEU B 234 -0.08 -22.62 2.28
CA LEU B 234 0.82 -22.23 3.35
C LEU B 234 2.26 -22.26 2.83
N PHE B 235 3.13 -21.44 3.44
CA PHE B 235 4.45 -21.16 2.88
C PHE B 235 5.27 -22.46 2.77
N PRO B 236 5.34 -23.34 3.79
CA PRO B 236 6.12 -24.57 3.67
C PRO B 236 5.72 -25.52 2.53
N ASP B 237 4.47 -25.43 2.04
CA ASP B 237 4.02 -26.23 0.90
C ASP B 237 4.17 -25.47 -0.41
N PHE B 238 4.74 -24.27 -0.39
CA PHE B 238 4.80 -23.44 -1.58
C PHE B 238 6.02 -23.91 -2.36
N GLY B 239 5.81 -24.45 -3.56
CA GLY B 239 6.92 -24.99 -4.34
C GLY B 239 6.85 -24.51 -5.78
N GLU B 240 7.69 -25.10 -6.62
CA GLU B 240 7.91 -24.66 -8.00
C GLU B 240 6.61 -24.54 -8.79
N GLU B 241 5.67 -25.47 -8.57
CA GLU B 241 4.43 -25.51 -9.32
C GLU B 241 3.58 -24.30 -8.93
N ASP B 242 3.45 -24.08 -7.61
CA ASP B 242 2.76 -22.92 -7.05
C ASP B 242 3.33 -21.61 -7.59
N LEU B 243 4.66 -21.48 -7.65
CA LEU B 243 5.32 -20.29 -8.13
C LEU B 243 5.01 -20.04 -9.61
N LYS B 244 5.09 -21.07 -10.42
CA LYS B 244 4.85 -20.94 -11.86
C LYS B 244 3.39 -20.54 -12.12
N GLU B 245 2.48 -20.96 -11.24
CA GLU B 245 1.09 -20.57 -11.30
C GLU B 245 0.96 -19.05 -11.08
N ALA B 246 1.56 -18.55 -10.00
CA ALA B 246 1.53 -17.14 -9.69
C ALA B 246 2.04 -16.33 -10.88
N ILE B 247 3.13 -16.79 -11.50
CA ILE B 247 3.71 -16.05 -12.61
C ILE B 247 2.78 -16.06 -13.81
N MET B 248 2.15 -17.21 -14.06
CA MET B 248 1.19 -17.35 -15.17
C MET B 248 0.05 -16.36 -14.97
N ASN B 249 -0.51 -16.34 -13.75
CA ASN B 249 -1.54 -15.40 -13.37
C ASN B 249 -1.08 -13.96 -13.62
N PHE B 250 0.16 -13.64 -13.28
CA PHE B 250 0.66 -12.29 -13.46
C PHE B 250 0.63 -11.89 -14.95
N GLN B 251 1.01 -12.82 -15.83
CA GLN B 251 1.18 -12.51 -17.24
C GLN B 251 -0.15 -12.24 -17.94
N GLN B 252 -1.27 -12.71 -17.37
CA GLN B 252 -2.57 -12.43 -17.94
C GLN B 252 -2.99 -10.98 -17.68
N ARG B 253 -2.46 -10.33 -16.62
CA ARG B 253 -3.05 -9.12 -16.07
C ARG B 253 -2.80 -7.93 -16.99
N HIS B 254 -3.73 -6.96 -16.98
CA HIS B 254 -3.62 -5.73 -17.76
C HIS B 254 -3.32 -4.54 -16.86
N ARG B 255 -2.13 -3.95 -17.02
CA ARG B 255 -1.66 -2.86 -16.17
C ARG B 255 -1.81 -1.56 -16.94
N ARG B 256 -2.59 -0.62 -16.41
CA ARG B 256 -2.85 0.61 -17.16
C ARG B 256 -2.15 1.80 -16.51
N PHE B 257 -1.73 1.66 -15.24
CA PHE B 257 -1.06 2.74 -14.52
C PHE B 257 -1.80 4.08 -14.66
N GLY B 258 -3.15 4.05 -14.63
CA GLY B 258 -3.94 5.26 -14.53
C GLY B 258 -4.35 5.84 -15.90
N GLY B 259 -3.82 5.26 -16.98
CA GLY B 259 -4.16 5.64 -18.34
C GLY B 259 -5.10 4.62 -18.99
N HIS B 260 -5.22 4.69 -20.32
CA HIS B 260 -6.24 3.97 -21.08
C HIS B 260 -5.61 3.36 -22.34
#